data_8I3J
#
_entry.id   8I3J
#
_cell.length_a   147.468
_cell.length_b   147.468
_cell.length_c   85.075
_cell.angle_alpha   90.000
_cell.angle_beta   90.000
_cell.angle_gamma   120.000
#
_symmetry.space_group_name_H-M   'P 61 2 2'
#
_entity_poly.entity_id   1
_entity_poly.type   'polypeptide(L)'
_entity_poly.pdbx_seq_one_letter_code
;EDVAK(MSE)QEDLES(MSE)HPLLEEAAKDT(MSE)LT(MSE)EQIKVDTAIAEETRNSVQTEEIKANEKAKKAQAIAD
DAQKDLDEALPALDAALASLRNLNKNDVTEVRA(MSE)QRPPPGVKLVIEAVCI(MSE)KGIKPKKVPGEKPGTKVDDYW
EPGKGLLQDPGHFLESLFKFDKDNIGDVVIKAIQPYIDNEEFQPATIAKVSKACTSICQWVRA(MSE)HKYHFVAKAVEP
KRQALLEAQDDLGVTQRILDEAKQRLREVEDGIAT(MSE)QAKYRECITKKEELELKCEQCEQRLGRAG
;
_entity_poly.pdbx_strand_id   A
#
# COMPACT_ATOMS: atom_id res chain seq x y z
N GLU A 1 -69.05 28.68 42.67
CA GLU A 1 -67.92 27.75 42.86
C GLU A 1 -67.33 27.35 41.50
N ASP A 2 -68.13 26.68 40.67
CA ASP A 2 -67.67 26.24 39.34
C ASP A 2 -67.09 27.43 38.56
N VAL A 3 -67.69 28.62 38.69
CA VAL A 3 -67.22 29.79 37.91
C VAL A 3 -65.79 30.08 38.32
N ALA A 4 -65.56 30.32 39.61
CA ALA A 4 -64.19 30.54 40.08
C ALA A 4 -63.30 29.44 39.53
N LYS A 5 -63.72 28.19 39.67
CA LYS A 5 -62.81 27.09 39.24
C LYS A 5 -62.41 27.34 37.79
N MSE A 6 -63.37 27.30 36.88
CA MSE A 6 -63.06 27.48 35.45
C MSE A 6 -62.13 28.68 35.33
O MSE A 6 -61.11 28.57 34.64
CB MSE A 6 -64.36 27.81 34.70
CG MSE A 6 -64.17 28.66 33.46
SE MSE A 6 -65.43 30.16 33.42
CE MSE A 6 -67.13 29.61 34.23
N GLN A 7 -62.46 29.75 36.01
CA GLN A 7 -61.67 30.96 35.84
C GLN A 7 -60.20 30.70 36.19
N GLU A 8 -59.93 29.88 37.21
CA GLU A 8 -58.52 29.61 37.52
C GLU A 8 -57.92 28.57 36.59
N ASP A 9 -58.75 27.67 36.02
CA ASP A 9 -58.25 26.74 35.00
C ASP A 9 -57.76 27.49 33.77
N LEU A 10 -58.49 28.52 33.37
CA LEU A 10 -58.07 29.31 32.23
C LEU A 10 -56.82 30.12 32.56
N GLU A 11 -56.75 30.61 33.78
CA GLU A 11 -55.59 31.45 34.15
C GLU A 11 -54.38 30.54 34.22
N SER A 12 -54.54 29.40 34.87
CA SER A 12 -53.42 28.43 35.03
C SER A 12 -52.94 27.90 33.67
N MSE A 13 -53.84 27.80 32.69
CA MSE A 13 -53.46 27.21 31.40
C MSE A 13 -52.73 28.24 30.55
O MSE A 13 -51.94 27.85 29.70
CB MSE A 13 -54.70 26.66 30.68
CG MSE A 13 -54.68 25.16 30.52
SE MSE A 13 -56.27 24.79 29.47
CE MSE A 13 -57.27 26.45 29.64
N HIS A 14 -52.99 29.52 30.79
CA HIS A 14 -52.30 30.60 30.05
C HIS A 14 -50.78 30.39 30.15
N PRO A 15 -50.14 30.28 31.32
CA PRO A 15 -48.69 30.00 31.39
C PRO A 15 -48.27 28.72 30.69
N LEU A 16 -49.14 27.69 30.68
CA LEU A 16 -48.81 26.47 29.94
C LEU A 16 -48.80 26.72 28.44
N LEU A 17 -49.68 27.59 27.96
CA LEU A 17 -49.65 27.98 26.55
C LEU A 17 -48.38 28.78 26.24
N GLU A 18 -47.97 29.68 27.15
CA GLU A 18 -46.75 30.45 26.94
C GLU A 18 -45.52 29.56 27.05
N GLU A 19 -45.59 28.51 27.87
CA GLU A 19 -44.45 27.60 28.01
C GLU A 19 -44.25 26.75 26.76
N ALA A 20 -45.34 26.14 26.25
CA ALA A 20 -45.24 25.38 25.03
C ALA A 20 -44.80 26.23 23.85
N ALA A 21 -45.10 27.54 23.89
CA ALA A 21 -44.74 28.41 22.77
C ALA A 21 -43.26 28.69 22.74
N LYS A 22 -42.62 28.89 23.91
CA LYS A 22 -41.17 29.03 23.93
C LYS A 22 -40.49 27.74 23.51
N ASP A 23 -41.02 26.61 23.96
CA ASP A 23 -40.42 25.32 23.64
C ASP A 23 -40.44 25.08 22.13
N THR A 24 -41.57 25.35 21.46
CA THR A 24 -41.60 25.18 20.00
C THR A 24 -40.62 26.14 19.32
N MSE A 25 -40.38 27.31 19.90
CA MSE A 25 -39.51 28.28 19.23
C MSE A 25 -38.06 27.92 19.49
O MSE A 25 -37.19 28.08 18.64
CB MSE A 25 -39.78 29.72 19.70
CG MSE A 25 -38.85 30.77 19.07
SE MSE A 25 -39.09 32.60 19.79
CE MSE A 25 -37.54 33.51 18.98
N LEU A 26 -37.85 27.46 20.73
CA LEU A 26 -36.55 26.95 21.13
C LEU A 26 -36.15 25.77 20.24
N THR A 27 -37.01 24.75 20.18
CA THR A 27 -36.84 23.71 19.17
C THR A 27 -36.53 24.31 17.81
N MSE A 28 -37.38 25.20 17.32
CA MSE A 28 -37.19 25.78 15.98
C MSE A 28 -35.78 26.26 15.70
O MSE A 28 -35.17 25.88 14.71
CB MSE A 28 -38.16 26.95 15.76
CG MSE A 28 -38.56 27.10 14.30
SE MSE A 28 -38.81 25.34 13.46
CE MSE A 28 -37.64 25.52 11.91
N GLU A 29 -35.28 27.14 16.56
CA GLU A 29 -33.97 27.74 16.33
C GLU A 29 -32.87 26.69 16.45
N GLN A 30 -33.07 25.70 17.31
CA GLN A 30 -32.12 24.60 17.44
C GLN A 30 -32.01 23.80 16.13
N ILE A 31 -33.14 23.53 15.44
CA ILE A 31 -33.00 22.91 14.12
C ILE A 31 -32.25 23.83 13.18
N LYS A 32 -32.49 25.14 13.29
CA LYS A 32 -31.82 26.06 12.38
C LYS A 32 -30.31 26.05 12.61
N VAL A 33 -29.87 25.80 13.83
CA VAL A 33 -28.43 25.91 14.05
C VAL A 33 -27.72 24.62 13.63
N ASP A 34 -28.31 23.46 13.96
CA ASP A 34 -27.78 22.19 13.51
C ASP A 34 -27.88 22.05 11.98
N THR A 35 -28.88 22.64 11.33
CA THR A 35 -28.91 22.55 9.87
C THR A 35 -27.70 23.27 9.30
N ALA A 36 -27.33 24.42 9.88
CA ALA A 36 -26.23 25.21 9.35
C ALA A 36 -24.91 24.51 9.58
N ILE A 37 -24.81 23.77 10.67
CA ILE A 37 -23.61 23.05 11.04
C ILE A 37 -23.50 21.74 10.28
N ALA A 38 -24.61 21.03 10.14
CA ALA A 38 -24.68 19.92 9.19
C ALA A 38 -24.21 20.37 7.82
N GLU A 39 -24.45 21.62 7.45
CA GLU A 39 -23.98 22.05 6.15
C GLU A 39 -22.50 22.34 6.16
N GLU A 40 -22.00 22.91 7.26
CA GLU A 40 -20.58 23.19 7.38
C GLU A 40 -19.77 21.90 7.32
N THR A 41 -20.25 20.87 8.02
CA THR A 41 -19.63 19.55 7.96
C THR A 41 -19.74 18.92 6.57
N ARG A 42 -20.73 19.34 5.76
CA ARG A 42 -20.84 18.81 4.41
C ARG A 42 -19.81 19.42 3.48
N ASN A 43 -19.49 20.71 3.62
CA ASN A 43 -18.41 21.25 2.80
C ASN A 43 -17.06 20.78 3.32
N SER A 44 -16.95 20.62 4.64
CA SER A 44 -15.74 20.04 5.20
C SER A 44 -15.52 18.62 4.66
N VAL A 45 -16.61 17.84 4.51
CA VAL A 45 -16.49 16.48 3.98
C VAL A 45 -16.14 16.50 2.50
N GLN A 46 -16.67 17.46 1.76
CA GLN A 46 -16.41 17.49 0.32
C GLN A 46 -14.96 17.89 0.05
N THR A 47 -14.36 18.66 0.96
CA THR A 47 -12.98 19.09 0.74
C THR A 47 -11.99 18.00 1.14
N GLU A 48 -12.34 17.22 2.16
CA GLU A 48 -11.54 16.04 2.43
C GLU A 48 -11.71 14.98 1.35
N GLU A 49 -12.89 14.88 0.71
CA GLU A 49 -13.03 13.90 -0.36
C GLU A 49 -12.14 14.24 -1.55
N ILE A 50 -11.94 15.53 -1.83
CA ILE A 50 -10.95 15.84 -2.85
C ILE A 50 -9.54 15.65 -2.30
N LYS A 51 -9.36 15.76 -0.98
CA LYS A 51 -8.02 15.58 -0.43
C LYS A 51 -7.57 14.11 -0.50
N ALA A 52 -8.49 13.15 -0.28
CA ALA A 52 -8.14 11.74 -0.43
C ALA A 52 -8.17 11.27 -1.88
N ASN A 53 -8.74 12.04 -2.81
CA ASN A 53 -8.66 11.60 -4.20
C ASN A 53 -7.32 11.99 -4.80
N GLU A 54 -6.79 13.15 -4.41
CA GLU A 54 -5.48 13.55 -4.91
C GLU A 54 -4.37 12.71 -4.30
N LYS A 55 -4.48 12.40 -3.00
CA LYS A 55 -3.46 11.60 -2.33
C LYS A 55 -3.39 10.18 -2.90
N ALA A 56 -4.49 9.70 -3.50
CA ALA A 56 -4.44 8.41 -4.19
C ALA A 56 -3.84 8.55 -5.59
N LYS A 57 -4.09 9.68 -6.24
CA LYS A 57 -3.46 9.90 -7.55
C LYS A 57 -1.95 10.05 -7.32
N LYS A 58 -1.55 10.68 -6.21
CA LYS A 58 -0.13 10.88 -5.96
C LYS A 58 0.55 9.60 -5.54
N ALA A 59 -0.14 8.78 -4.73
CA ALA A 59 0.43 7.50 -4.33
C ALA A 59 0.57 6.56 -5.53
N GLN A 60 -0.40 6.59 -6.45
CA GLN A 60 -0.30 5.77 -7.65
C GLN A 60 0.81 6.27 -8.57
N ALA A 61 0.98 7.59 -8.69
CA ALA A 61 2.05 8.13 -9.52
C ALA A 61 3.43 7.70 -9.03
N ILE A 62 3.57 7.48 -7.72
CA ILE A 62 4.83 7.01 -7.18
C ILE A 62 4.99 5.52 -7.47
N ALA A 63 3.91 4.74 -7.34
CA ALA A 63 3.98 3.31 -7.63
C ALA A 63 4.23 3.04 -9.11
N ASP A 64 3.62 3.80 -10.02
CA ASP A 64 3.90 3.57 -11.44
C ASP A 64 5.36 3.87 -11.77
N ASP A 65 5.91 4.95 -11.21
CA ASP A 65 7.30 5.31 -11.49
C ASP A 65 8.26 4.29 -10.88
N ALA A 66 7.97 3.87 -9.65
CA ALA A 66 8.73 2.81 -9.01
C ALA A 66 8.57 1.47 -9.73
N GLN A 67 7.40 1.20 -10.31
CA GLN A 67 7.27 -0.02 -11.09
C GLN A 67 7.97 0.10 -12.43
N LYS A 68 8.04 1.31 -12.99
CA LYS A 68 8.81 1.53 -14.22
C LYS A 68 10.30 1.22 -14.01
N ASP A 69 10.86 1.65 -12.87
CA ASP A 69 12.25 1.30 -12.57
C ASP A 69 12.46 -0.21 -12.39
N LEU A 70 11.41 -0.96 -12.08
CA LEU A 70 11.52 -2.39 -11.76
C LEU A 70 11.40 -3.30 -12.99
N ASP A 71 10.62 -2.93 -14.00
CA ASP A 71 10.78 -3.68 -15.25
C ASP A 71 11.94 -3.14 -16.08
N GLU A 72 12.73 -2.21 -15.54
CA GLU A 72 14.05 -1.92 -16.11
C GLU A 72 15.01 -3.10 -15.97
N ALA A 73 14.73 -4.03 -15.06
CA ALA A 73 15.59 -5.18 -14.85
C ALA A 73 14.81 -6.49 -14.86
N LEU A 74 13.50 -6.42 -14.60
CA LEU A 74 12.72 -7.65 -14.47
C LEU A 74 12.63 -8.50 -15.73
N PRO A 75 12.62 -7.95 -16.96
CA PRO A 75 12.53 -8.85 -18.14
C PRO A 75 13.75 -9.76 -18.29
N ALA A 76 14.96 -9.21 -18.10
CA ALA A 76 16.16 -10.02 -18.26
C ALA A 76 16.18 -11.19 -17.30
N LEU A 77 15.81 -10.96 -16.03
CA LEU A 77 15.80 -12.02 -15.03
C LEU A 77 14.98 -13.22 -15.48
N ASP A 78 13.74 -12.97 -15.87
CA ASP A 78 12.85 -14.06 -16.24
C ASP A 78 13.33 -14.73 -17.51
N ALA A 79 13.80 -13.92 -18.47
CA ALA A 79 14.52 -14.46 -19.62
C ALA A 79 15.61 -15.42 -19.18
N ALA A 80 16.52 -14.95 -18.32
CA ALA A 80 17.56 -15.81 -17.79
C ALA A 80 16.96 -17.00 -17.02
N LEU A 81 15.93 -16.76 -16.20
CA LEU A 81 15.38 -17.86 -15.41
C LEU A 81 14.65 -18.86 -16.30
N ALA A 82 14.09 -18.37 -17.41
CA ALA A 82 13.63 -19.28 -18.47
C ALA A 82 14.76 -20.18 -18.90
N SER A 83 15.87 -19.57 -19.32
CA SER A 83 17.03 -20.29 -19.81
C SER A 83 17.57 -21.28 -18.78
N LEU A 84 17.48 -20.99 -17.49
CA LEU A 84 17.95 -22.01 -16.54
C LEU A 84 17.00 -23.21 -16.54
N ARG A 85 15.69 -22.98 -16.67
CA ARG A 85 14.81 -24.12 -16.94
C ARG A 85 15.08 -24.75 -18.30
N ASN A 86 15.74 -24.04 -19.23
CA ASN A 86 16.13 -24.65 -20.51
C ASN A 86 17.00 -25.89 -20.32
N LEU A 87 17.67 -26.02 -19.19
CA LEU A 87 18.82 -26.91 -19.03
C LEU A 87 18.39 -28.27 -18.50
N ASN A 88 18.71 -29.35 -19.24
CA ASN A 88 18.42 -30.67 -18.68
C ASN A 88 19.59 -31.16 -17.84
N LYS A 89 19.44 -32.38 -17.31
CA LYS A 89 20.43 -32.87 -16.36
C LYS A 89 21.81 -32.89 -16.98
N ASN A 90 21.93 -33.27 -18.25
CA ASN A 90 23.26 -33.46 -18.82
C ASN A 90 23.99 -32.15 -19.06
N ASP A 91 23.28 -31.06 -19.27
CA ASP A 91 23.97 -29.82 -19.57
C ASP A 91 24.86 -29.40 -18.40
N VAL A 92 24.40 -29.69 -17.19
CA VAL A 92 25.26 -29.54 -16.02
C VAL A 92 26.32 -30.63 -16.01
N THR A 93 25.95 -31.88 -16.26
CA THR A 93 26.91 -32.98 -16.19
C THR A 93 28.05 -32.79 -17.19
N GLU A 94 27.76 -32.20 -18.35
CA GLU A 94 28.77 -32.08 -19.40
C GLU A 94 29.82 -31.05 -19.02
N VAL A 95 29.40 -29.91 -18.46
CA VAL A 95 30.36 -28.90 -18.02
C VAL A 95 31.18 -29.43 -16.82
N ARG A 96 30.55 -30.22 -15.96
CA ARG A 96 31.27 -30.68 -14.76
C ARG A 96 32.40 -31.60 -15.19
N ALA A 97 32.22 -32.31 -16.28
CA ALA A 97 33.23 -33.31 -16.65
C ALA A 97 34.36 -32.67 -17.43
N MSE A 98 34.09 -31.49 -17.97
CA MSE A 98 35.12 -30.85 -18.79
C MSE A 98 36.43 -30.87 -17.99
O MSE A 98 36.48 -30.24 -16.94
CB MSE A 98 34.67 -29.45 -19.20
CG MSE A 98 33.74 -29.42 -20.37
SE MSE A 98 33.30 -27.55 -20.69
CE MSE A 98 32.77 -27.33 -22.56
N GLN A 99 37.43 -31.61 -18.47
CA GLN A 99 38.75 -31.64 -17.80
C GLN A 99 39.60 -30.49 -18.34
N ARG A 100 39.28 -30.01 -19.53
CA ARG A 100 39.99 -28.85 -20.11
C ARG A 100 38.96 -27.78 -20.49
N PRO A 101 38.34 -27.12 -19.50
CA PRO A 101 37.28 -26.15 -19.75
C PRO A 101 37.83 -24.93 -20.47
N PRO A 102 37.26 -24.61 -21.62
CA PRO A 102 37.66 -23.39 -22.34
C PRO A 102 37.55 -22.19 -21.43
N PRO A 103 38.27 -21.11 -21.71
CA PRO A 103 38.30 -19.97 -20.78
C PRO A 103 36.93 -19.35 -20.55
N GLY A 104 36.03 -19.43 -21.53
CA GLY A 104 34.66 -18.92 -21.33
C GLY A 104 33.93 -19.61 -20.19
N VAL A 105 34.08 -20.93 -20.09
CA VAL A 105 33.37 -21.69 -19.06
C VAL A 105 33.98 -21.44 -17.69
N LYS A 106 35.32 -21.43 -17.61
CA LYS A 106 35.99 -21.08 -16.36
C LYS A 106 35.43 -19.78 -15.81
N LEU A 107 35.34 -18.75 -16.66
CA LEU A 107 34.82 -17.45 -16.29
C LEU A 107 33.44 -17.56 -15.68
N VAL A 108 32.58 -18.37 -16.29
CA VAL A 108 31.21 -18.46 -15.82
C VAL A 108 31.17 -19.26 -14.53
N ILE A 109 31.93 -20.36 -14.45
CA ILE A 109 31.97 -21.12 -13.20
C ILE A 109 32.62 -20.30 -12.10
N GLU A 110 33.53 -19.40 -12.46
CA GLU A 110 34.05 -18.47 -11.48
C GLU A 110 32.94 -17.58 -10.96
N ALA A 111 32.26 -16.85 -11.86
CA ALA A 111 31.25 -15.85 -11.49
C ALA A 111 30.23 -16.40 -10.52
N VAL A 112 29.71 -17.57 -10.85
CA VAL A 112 28.63 -18.13 -10.00
C VAL A 112 29.21 -18.39 -8.61
N CYS A 113 30.38 -19.00 -8.54
CA CYS A 113 30.93 -19.39 -7.22
C CYS A 113 30.95 -18.17 -6.31
N ILE A 114 31.31 -17.02 -6.86
CA ILE A 114 31.41 -15.80 -6.04
C ILE A 114 29.99 -15.38 -5.63
N MSE A 115 29.07 -15.33 -6.59
CA MSE A 115 27.68 -14.92 -6.27
C MSE A 115 27.23 -15.81 -5.13
O MSE A 115 26.81 -15.29 -4.09
CB MSE A 115 26.73 -15.19 -7.43
CG MSE A 115 26.78 -14.17 -8.53
SE MSE A 115 26.11 -12.51 -7.78
CE MSE A 115 26.15 -11.12 -9.15
N LYS A 116 27.33 -17.12 -5.32
CA LYS A 116 26.84 -18.05 -4.30
C LYS A 116 27.76 -17.98 -3.08
N GLY A 117 28.79 -17.16 -3.16
CA GLY A 117 29.67 -16.96 -1.99
C GLY A 117 30.48 -18.18 -1.68
N ILE A 118 31.29 -18.62 -2.63
CA ILE A 118 32.04 -19.88 -2.38
C ILE A 118 33.50 -19.53 -2.17
N LYS A 119 34.19 -20.35 -1.40
CA LYS A 119 35.59 -20.15 -1.10
C LYS A 119 36.45 -20.62 -2.28
N PRO A 120 37.35 -19.75 -2.84
CA PRO A 120 38.20 -20.22 -3.96
C PRO A 120 39.19 -21.29 -3.59
N LYS A 121 40.07 -21.59 -4.52
CA LYS A 121 41.20 -22.50 -4.30
C LYS A 121 42.41 -21.85 -4.97
N LYS A 122 43.37 -21.39 -4.16
CA LYS A 122 44.57 -20.74 -4.67
C LYS A 122 45.49 -21.80 -5.24
N VAL A 123 45.76 -21.71 -6.54
CA VAL A 123 46.54 -22.72 -7.25
C VAL A 123 47.76 -22.05 -7.88
N PRO A 124 48.76 -22.80 -8.34
CA PRO A 124 49.89 -22.16 -9.02
C PRO A 124 49.44 -21.20 -10.13
N GLY A 125 50.19 -20.11 -10.25
CA GLY A 125 50.06 -19.22 -11.38
C GLY A 125 51.19 -19.45 -12.37
N GLU A 126 51.21 -18.60 -13.41
CA GLU A 126 52.20 -18.75 -14.46
C GLU A 126 53.56 -18.21 -14.02
N LYS A 127 53.63 -16.95 -13.61
CA LYS A 127 54.78 -16.45 -12.90
C LYS A 127 54.98 -17.29 -11.65
N PRO A 128 56.22 -17.59 -11.27
CA PRO A 128 56.46 -18.73 -10.36
C PRO A 128 55.98 -18.43 -8.95
N GLY A 129 55.29 -19.41 -8.37
CA GLY A 129 54.51 -19.16 -7.15
C GLY A 129 53.22 -18.45 -7.49
N THR A 130 53.23 -17.11 -7.38
CA THR A 130 52.10 -16.20 -7.61
C THR A 130 50.74 -16.89 -7.55
N LYS A 131 50.33 -17.28 -6.34
CA LYS A 131 49.13 -18.09 -6.15
C LYS A 131 47.89 -17.34 -6.64
N VAL A 132 47.26 -17.85 -7.70
CA VAL A 132 45.97 -17.35 -8.18
C VAL A 132 44.92 -18.40 -7.84
N ASP A 133 43.71 -17.93 -7.53
CA ASP A 133 42.64 -18.84 -7.10
C ASP A 133 41.90 -19.41 -8.30
N ASP A 134 41.61 -20.70 -8.25
CA ASP A 134 40.92 -21.40 -9.32
C ASP A 134 39.60 -21.91 -8.76
N TYR A 135 38.51 -21.26 -9.16
CA TYR A 135 37.20 -21.64 -8.68
C TYR A 135 36.69 -22.92 -9.31
N TRP A 136 37.44 -23.49 -10.26
CA TRP A 136 36.96 -24.69 -10.95
C TRP A 136 36.66 -25.83 -9.98
N GLU A 137 37.66 -26.23 -9.18
CA GLU A 137 37.47 -27.36 -8.28
C GLU A 137 36.34 -27.18 -7.27
N PRO A 138 36.12 -26.00 -6.67
CA PRO A 138 34.89 -25.81 -5.88
C PRO A 138 33.63 -25.68 -6.74
N GLY A 139 33.72 -25.22 -7.98
CA GLY A 139 32.56 -25.27 -8.86
C GLY A 139 32.11 -26.71 -9.10
N LYS A 140 33.05 -27.59 -9.42
CA LYS A 140 32.75 -29.01 -9.67
C LYS A 140 31.84 -29.59 -8.59
N GLY A 141 32.09 -29.23 -7.32
CA GLY A 141 31.24 -29.72 -6.24
C GLY A 141 29.83 -29.16 -6.31
N LEU A 142 29.70 -27.89 -6.73
CA LEU A 142 28.38 -27.30 -6.90
C LEU A 142 27.64 -27.88 -8.10
N LEU A 143 28.35 -28.60 -8.97
CA LEU A 143 27.80 -29.33 -10.10
C LEU A 143 27.73 -30.83 -9.84
N GLN A 144 28.28 -31.31 -8.71
CA GLN A 144 28.17 -32.72 -8.37
C GLN A 144 26.71 -33.15 -8.33
N ASP A 145 25.87 -32.33 -7.71
CA ASP A 145 24.43 -32.52 -7.75
C ASP A 145 23.89 -31.46 -8.69
N PRO A 146 23.44 -31.82 -9.89
CA PRO A 146 22.84 -30.81 -10.79
C PRO A 146 21.51 -30.30 -10.30
N GLY A 147 20.70 -31.17 -9.68
CA GLY A 147 19.47 -30.71 -9.06
C GLY A 147 19.72 -29.64 -8.03
N HIS A 148 20.55 -29.95 -7.02
CA HIS A 148 20.83 -28.97 -5.97
C HIS A 148 21.49 -27.72 -6.52
N PHE A 149 22.12 -27.79 -7.68
CA PHE A 149 22.68 -26.57 -8.23
C PHE A 149 21.56 -25.64 -8.67
N LEU A 150 20.74 -26.12 -9.60
CA LEU A 150 19.77 -25.24 -10.25
C LEU A 150 18.74 -24.70 -9.26
N GLU A 151 18.35 -25.52 -8.27
CA GLU A 151 17.40 -25.00 -7.29
C GLU A 151 17.99 -23.80 -6.57
N SER A 152 19.25 -23.91 -6.10
CA SER A 152 19.86 -22.85 -5.30
C SER A 152 20.05 -21.58 -6.10
N LEU A 153 20.06 -21.68 -7.44
CA LEU A 153 19.98 -20.49 -8.27
C LEU A 153 18.58 -19.91 -8.28
N PHE A 154 17.57 -20.79 -8.32
CA PHE A 154 16.19 -20.36 -8.29
C PHE A 154 15.77 -19.83 -6.93
N LYS A 155 16.52 -20.19 -5.87
CA LYS A 155 16.25 -19.73 -4.52
C LYS A 155 17.17 -18.60 -4.07
N PHE A 156 17.94 -17.98 -4.98
CA PHE A 156 18.79 -16.87 -4.56
C PHE A 156 17.96 -15.64 -4.19
N ASP A 157 17.02 -15.26 -5.06
CA ASP A 157 15.99 -14.25 -4.75
C ASP A 157 16.56 -12.86 -4.50
N LYS A 158 17.79 -12.61 -4.95
CA LYS A 158 18.52 -11.37 -4.71
C LYS A 158 18.65 -11.08 -3.22
N ASP A 159 17.86 -10.12 -2.73
CA ASP A 159 18.04 -9.36 -1.49
C ASP A 159 19.38 -9.56 -0.79
N ASN A 160 19.64 -10.79 -0.31
CA ASN A 160 20.95 -11.19 0.22
C ASN A 160 22.00 -11.23 -0.89
N ILE A 161 22.32 -10.09 -1.46
CA ILE A 161 23.53 -9.92 -2.23
C ILE A 161 24.30 -8.84 -1.51
N GLY A 162 25.29 -9.23 -0.71
CA GLY A 162 26.12 -8.25 -0.05
C GLY A 162 26.72 -7.29 -1.06
N ASP A 163 26.96 -6.05 -0.60
CA ASP A 163 27.66 -5.09 -1.44
C ASP A 163 29.07 -5.57 -1.78
N VAL A 164 29.62 -6.51 -1.00
CA VAL A 164 30.90 -7.12 -1.34
C VAL A 164 30.82 -7.90 -2.65
N VAL A 165 29.90 -8.87 -2.74
CA VAL A 165 29.71 -9.72 -3.91
C VAL A 165 29.37 -8.95 -5.19
N ILE A 166 28.91 -7.71 -5.09
CA ILE A 166 28.60 -6.95 -6.30
C ILE A 166 29.83 -6.25 -6.86
N LYS A 167 30.78 -5.90 -5.99
CA LYS A 167 32.05 -5.38 -6.46
C LYS A 167 33.03 -6.51 -6.76
N ALA A 168 32.89 -7.64 -6.07
CA ALA A 168 33.58 -8.86 -6.47
C ALA A 168 33.27 -9.26 -7.92
N ILE A 169 32.05 -9.02 -8.40
CA ILE A 169 31.65 -9.44 -9.74
C ILE A 169 31.55 -8.27 -10.73
N GLN A 170 31.79 -7.04 -10.28
CA GLN A 170 31.98 -5.93 -11.23
C GLN A 170 33.05 -6.20 -12.28
N PRO A 171 34.19 -6.83 -11.98
CA PRO A 171 35.15 -7.18 -13.06
C PRO A 171 34.57 -8.12 -14.11
N TYR A 172 33.83 -9.16 -13.69
CA TYR A 172 33.18 -10.10 -14.59
C TYR A 172 32.14 -9.44 -15.50
N ILE A 173 31.30 -8.56 -14.95
CA ILE A 173 30.35 -7.84 -15.78
C ILE A 173 31.09 -6.96 -16.78
N ASP A 174 32.09 -6.22 -16.30
CA ASP A 174 32.89 -5.33 -17.14
C ASP A 174 33.70 -6.07 -18.21
N ASN A 175 33.71 -7.41 -18.17
CA ASN A 175 34.47 -8.24 -19.08
C ASN A 175 33.71 -8.42 -20.39
N GLU A 176 34.36 -8.11 -21.51
CA GLU A 176 33.67 -8.22 -22.80
C GLU A 176 33.58 -9.65 -23.31
N GLU A 177 34.16 -10.62 -22.61
CA GLU A 177 33.95 -12.03 -22.91
C GLU A 177 32.85 -12.64 -22.08
N PHE A 178 32.41 -11.96 -21.02
CA PHE A 178 31.32 -12.41 -20.16
C PHE A 178 29.96 -12.10 -20.75
N GLN A 179 29.87 -12.20 -22.07
CA GLN A 179 28.64 -11.98 -22.82
C GLN A 179 28.05 -13.33 -23.20
N PRO A 180 26.81 -13.61 -22.83
CA PRO A 180 26.24 -14.94 -23.13
C PRO A 180 26.21 -15.29 -24.62
N ALA A 181 26.04 -14.29 -25.50
CA ALA A 181 26.14 -14.58 -26.93
C ALA A 181 27.46 -15.29 -27.24
N THR A 182 28.55 -14.88 -26.60
CA THR A 182 29.82 -15.57 -26.80
C THR A 182 29.83 -16.94 -26.12
N ILE A 183 29.58 -17.02 -24.82
CA ILE A 183 29.61 -18.33 -24.13
C ILE A 183 28.83 -19.39 -24.91
N ALA A 184 27.95 -18.95 -25.81
CA ALA A 184 27.04 -19.85 -26.52
C ALA A 184 27.74 -20.65 -27.59
N LYS A 185 28.89 -20.17 -28.04
CA LYS A 185 29.74 -20.96 -28.93
C LYS A 185 30.38 -22.13 -28.21
N VAL A 186 30.62 -22.06 -26.91
CA VAL A 186 31.33 -23.12 -26.21
C VAL A 186 30.40 -24.04 -25.44
N SER A 187 29.47 -23.50 -24.64
CA SER A 187 28.61 -24.36 -23.84
C SER A 187 27.24 -23.71 -23.68
N LYS A 188 26.20 -24.54 -23.53
CA LYS A 188 24.88 -23.96 -23.35
C LYS A 188 24.65 -23.61 -21.89
N ALA A 189 24.82 -24.60 -20.99
CA ALA A 189 24.52 -24.36 -19.60
C ALA A 189 25.17 -23.07 -19.07
N CYS A 190 26.40 -22.77 -19.48
CA CYS A 190 27.04 -21.53 -19.05
C CYS A 190 26.43 -20.28 -19.68
N THR A 191 25.75 -20.39 -20.82
CA THR A 191 25.08 -19.19 -21.31
C THR A 191 23.93 -18.80 -20.39
N SER A 192 23.15 -19.78 -19.95
CA SER A 192 22.09 -19.51 -18.98
C SER A 192 22.66 -18.88 -17.72
N ILE A 193 23.74 -19.49 -17.19
CA ILE A 193 24.36 -18.97 -15.97
C ILE A 193 24.94 -17.58 -16.23
N CYS A 194 25.45 -17.33 -17.44
CA CYS A 194 26.05 -16.03 -17.74
C CYS A 194 25.00 -14.91 -17.71
N GLN A 195 23.84 -15.10 -18.36
CA GLN A 195 22.86 -14.02 -18.28
C GLN A 195 22.22 -13.93 -16.89
N TRP A 196 22.06 -15.04 -16.19
CA TRP A 196 21.51 -14.93 -14.82
C TRP A 196 22.35 -13.97 -14.01
N VAL A 197 23.65 -14.20 -13.96
CA VAL A 197 24.52 -13.37 -13.13
C VAL A 197 24.40 -11.94 -13.62
N ARG A 198 24.57 -11.75 -14.93
CA ARG A 198 24.58 -10.37 -15.44
C ARG A 198 23.31 -9.67 -15.01
N ALA A 199 22.23 -10.43 -14.89
CA ALA A 199 20.91 -9.83 -14.58
C ALA A 199 20.81 -9.48 -13.11
N MSE A 200 21.00 -10.45 -12.22
CA MSE A 200 20.80 -10.15 -10.79
C MSE A 200 21.71 -9.00 -10.38
O MSE A 200 21.50 -8.44 -9.33
CB MSE A 200 20.94 -11.37 -9.89
CG MSE A 200 19.94 -12.45 -10.17
SE MSE A 200 19.75 -13.54 -8.58
CE MSE A 200 17.99 -14.41 -8.60
N HIS A 201 22.69 -8.67 -11.21
CA HIS A 201 23.61 -7.56 -10.93
C HIS A 201 22.90 -6.24 -11.18
N LYS A 202 22.29 -6.08 -12.35
CA LYS A 202 21.52 -4.83 -12.55
C LYS A 202 20.31 -4.82 -11.62
N TYR A 203 19.66 -5.96 -11.43
CA TYR A 203 18.53 -6.00 -10.50
C TYR A 203 18.94 -5.56 -9.10
N HIS A 204 20.12 -5.99 -8.63
CA HIS A 204 20.64 -5.45 -7.39
C HIS A 204 20.84 -3.93 -7.48
N PHE A 205 21.12 -3.40 -8.67
CA PHE A 205 21.47 -1.99 -8.79
C PHE A 205 20.24 -1.10 -8.93
N VAL A 206 19.21 -1.54 -9.67
CA VAL A 206 17.96 -0.79 -9.70
C VAL A 206 17.22 -0.95 -8.37
N ALA A 207 17.19 -2.17 -7.81
CA ALA A 207 16.44 -2.39 -6.58
C ALA A 207 16.96 -1.53 -5.44
N LYS A 208 18.19 -1.04 -5.54
CA LYS A 208 18.71 -0.10 -4.55
C LYS A 208 18.32 1.34 -4.89
N ALA A 209 17.97 1.62 -6.14
CA ALA A 209 17.49 2.93 -6.52
C ALA A 209 15.96 3.04 -6.44
N VAL A 210 15.28 1.97 -6.03
CA VAL A 210 13.85 2.00 -5.70
C VAL A 210 13.60 1.91 -4.19
N GLU A 211 14.66 1.79 -3.37
CA GLU A 211 14.48 2.04 -1.95
C GLU A 211 13.96 3.44 -1.65
N PRO A 212 14.45 4.53 -2.26
CA PRO A 212 13.85 5.85 -1.97
C PRO A 212 12.40 5.94 -2.45
N LYS A 213 12.15 5.44 -3.67
CA LYS A 213 10.84 5.51 -4.26
C LYS A 213 9.84 4.73 -3.41
N ARG A 214 10.12 3.44 -3.17
CA ARG A 214 9.25 2.60 -2.36
C ARG A 214 8.98 3.18 -0.99
N GLN A 215 9.86 4.07 -0.51
CA GLN A 215 9.66 4.70 0.79
C GLN A 215 8.79 5.94 0.68
N ALA A 216 8.97 6.70 -0.40
CA ALA A 216 8.01 7.75 -0.74
C ALA A 216 6.64 7.15 -1.05
N LEU A 217 6.59 5.98 -1.70
CA LEU A 217 5.29 5.37 -1.90
C LEU A 217 4.70 4.95 -0.56
N LEU A 218 5.56 4.55 0.39
CA LEU A 218 5.08 4.18 1.72
C LEU A 218 4.51 5.39 2.46
N GLU A 219 5.19 6.54 2.35
CA GLU A 219 4.77 7.75 3.02
C GLU A 219 3.57 8.42 2.33
N ALA A 220 3.40 8.19 1.03
CA ALA A 220 2.25 8.73 0.34
C ALA A 220 0.98 7.96 0.70
N GLN A 221 1.10 6.65 0.99
CA GLN A 221 -0.09 5.92 1.45
C GLN A 221 -0.41 6.29 2.88
N ASP A 222 0.61 6.57 3.69
CA ASP A 222 0.36 6.99 5.06
C ASP A 222 -0.46 8.29 5.11
N ASP A 223 -0.19 9.21 4.18
CA ASP A 223 -0.91 10.46 4.14
C ASP A 223 -2.37 10.23 3.78
N LEU A 224 -2.62 9.39 2.78
CA LEU A 224 -3.98 9.11 2.36
C LEU A 224 -4.79 8.46 3.47
N GLY A 225 -4.16 7.59 4.25
CA GLY A 225 -4.89 6.94 5.33
C GLY A 225 -5.26 7.90 6.45
N VAL A 226 -4.41 8.92 6.70
CA VAL A 226 -4.78 9.89 7.73
C VAL A 226 -5.88 10.79 7.21
N THR A 227 -5.72 11.33 5.98
CA THR A 227 -6.86 12.00 5.33
C THR A 227 -8.06 11.08 5.26
N GLN A 228 -7.85 9.78 5.12
CA GLN A 228 -8.99 8.88 5.11
C GLN A 228 -9.67 8.83 6.47
N ARG A 229 -8.89 8.78 7.56
CA ARG A 229 -9.53 8.70 8.87
C ARG A 229 -10.18 10.03 9.25
N ILE A 230 -9.57 11.15 8.87
CA ILE A 230 -10.14 12.48 9.11
C ILE A 230 -11.48 12.61 8.40
N LEU A 231 -11.50 12.21 7.13
CA LEU A 231 -12.72 12.17 6.34
C LEU A 231 -13.81 11.34 7.02
N ASP A 232 -13.48 10.09 7.36
CA ASP A 232 -14.53 9.21 7.87
C ASP A 232 -15.04 9.66 9.24
N GLU A 233 -14.18 10.29 10.04
CA GLU A 233 -14.64 10.86 11.29
C GLU A 233 -15.59 12.02 11.03
N ALA A 234 -15.43 12.71 9.90
CA ALA A 234 -16.33 13.79 9.53
C ALA A 234 -17.68 13.26 9.03
N LYS A 235 -17.67 12.29 8.11
CA LYS A 235 -18.95 11.70 7.69
C LYS A 235 -19.71 11.11 8.85
N GLN A 236 -19.01 10.58 9.86
CA GLN A 236 -19.71 10.12 11.05
C GLN A 236 -20.47 11.28 11.70
N ARG A 237 -19.78 12.41 11.94
CA ARG A 237 -20.46 13.57 12.52
C ARG A 237 -21.62 14.05 11.61
N LEU A 238 -21.34 14.31 10.33
CA LEU A 238 -22.41 14.75 9.43
C LEU A 238 -23.61 13.83 9.56
N ARG A 239 -23.36 12.52 9.67
CA ARG A 239 -24.49 11.62 9.92
C ARG A 239 -25.12 11.90 11.28
N GLU A 240 -24.30 12.12 12.30
CA GLU A 240 -24.87 12.24 13.65
C GLU A 240 -25.70 13.53 13.79
N VAL A 241 -25.24 14.63 13.19
CA VAL A 241 -26.01 15.87 13.30
C VAL A 241 -27.33 15.74 12.57
N GLU A 242 -27.32 15.09 11.40
CA GLU A 242 -28.51 14.88 10.59
C GLU A 242 -29.56 14.08 11.36
N ASP A 243 -29.15 13.00 12.03
CA ASP A 243 -30.10 12.30 12.92
C ASP A 243 -30.53 13.16 14.09
N GLY A 244 -29.67 14.06 14.58
CA GLY A 244 -30.09 14.98 15.62
C GLY A 244 -31.16 15.92 15.12
N ILE A 245 -31.00 16.40 13.89
CA ILE A 245 -32.03 17.21 13.24
C ILE A 245 -33.33 16.43 13.11
N ALA A 246 -33.23 15.19 12.64
CA ALA A 246 -34.42 14.36 12.46
C ALA A 246 -35.19 14.18 13.77
N THR A 247 -34.46 13.94 14.86
CA THR A 247 -35.08 13.76 16.16
C THR A 247 -35.78 15.04 16.62
N MSE A 248 -35.18 16.19 16.32
CA MSE A 248 -35.74 17.50 16.69
C MSE A 248 -36.88 17.95 15.77
O MSE A 248 -37.74 18.72 16.18
CB MSE A 248 -34.62 18.54 16.66
CG MSE A 248 -33.73 18.44 17.84
SE MSE A 248 -32.77 20.12 18.03
CE MSE A 248 -31.49 19.94 16.54
N GLN A 249 -36.84 17.49 14.52
CA GLN A 249 -37.95 17.71 13.62
C GLN A 249 -39.20 17.06 14.12
N ALA A 250 -39.07 15.92 14.80
CA ALA A 250 -40.24 15.26 15.35
C ALA A 250 -40.56 15.77 16.75
N LYS A 251 -39.59 16.39 17.43
CA LYS A 251 -39.95 17.13 18.63
C LYS A 251 -40.80 18.34 18.26
N TYR A 252 -40.37 19.10 17.25
CA TYR A 252 -41.13 20.25 16.79
C TYR A 252 -42.57 19.87 16.53
N ARG A 253 -42.79 18.76 15.83
CA ARG A 253 -44.14 18.35 15.53
C ARG A 253 -44.94 18.01 16.78
N GLU A 254 -44.32 17.31 17.74
CA GLU A 254 -45.04 17.10 19.00
C GLU A 254 -45.26 18.42 19.72
N CYS A 255 -44.28 19.33 19.64
CA CYS A 255 -44.48 20.66 20.19
C CYS A 255 -45.75 21.31 19.63
N ILE A 256 -45.93 21.23 18.31
CA ILE A 256 -47.08 21.85 17.66
C ILE A 256 -48.37 21.19 18.13
N THR A 257 -48.51 19.87 17.93
CA THR A 257 -49.74 19.21 18.37
C THR A 257 -50.01 19.43 19.86
N LYS A 258 -48.99 19.64 20.69
CA LYS A 258 -49.26 19.94 22.10
C LYS A 258 -49.85 21.33 22.27
N LYS A 259 -49.34 22.31 21.50
CA LYS A 259 -49.93 23.64 21.52
C LYS A 259 -51.41 23.58 21.15
N GLU A 260 -51.72 23.01 19.97
CA GLU A 260 -53.09 22.83 19.49
C GLU A 260 -54.02 22.24 20.56
N GLU A 261 -53.51 21.31 21.37
CA GLU A 261 -54.33 20.70 22.41
C GLU A 261 -54.59 21.67 23.57
N LEU A 262 -53.59 22.50 23.90
CA LEU A 262 -53.74 23.45 24.99
C LEU A 262 -54.58 24.63 24.55
N GLU A 263 -54.34 25.07 23.31
CA GLU A 263 -55.21 26.02 22.65
C GLU A 263 -56.65 25.54 22.63
N LEU A 264 -56.87 24.30 22.22
CA LEU A 264 -58.24 23.81 22.16
C LEU A 264 -58.84 23.80 23.56
N LYS A 265 -58.03 23.45 24.56
CA LYS A 265 -58.51 23.46 25.93
C LYS A 265 -58.79 24.90 26.40
N CYS A 266 -57.92 25.86 26.02
CA CYS A 266 -58.16 27.25 26.38
C CYS A 266 -59.44 27.80 25.77
N GLU A 267 -59.72 27.43 24.51
CA GLU A 267 -60.95 27.89 23.86
C GLU A 267 -62.18 27.44 24.63
N GLN A 268 -62.19 26.18 25.08
CA GLN A 268 -63.36 25.64 25.77
C GLN A 268 -63.63 26.36 27.09
N CYS A 269 -62.59 26.46 27.95
CA CYS A 269 -62.78 27.16 29.23
C CYS A 269 -63.13 28.61 29.00
N GLU A 270 -62.59 29.20 27.93
CA GLU A 270 -63.04 30.51 27.53
C GLU A 270 -64.50 30.50 27.09
N GLN A 271 -64.94 29.45 26.39
CA GLN A 271 -66.25 29.49 25.73
C GLN A 271 -67.37 29.43 26.74
N ARG A 272 -67.19 28.69 27.82
CA ARG A 272 -68.20 28.67 28.85
C ARG A 272 -67.95 29.72 29.93
N LEU A 273 -66.94 30.58 29.77
CA LEU A 273 -66.88 31.83 30.54
C LEU A 273 -67.96 32.78 30.08
N GLY A 274 -67.87 33.19 28.80
CA GLY A 274 -68.90 34.04 28.23
C GLY A 274 -70.23 33.35 28.08
N ARG A 275 -70.28 32.05 28.30
CA ARG A 275 -71.58 31.39 28.44
C ARG A 275 -72.19 31.72 29.80
N ALA A 276 -71.47 31.41 30.88
CA ALA A 276 -71.98 31.71 32.22
C ALA A 276 -71.90 33.24 32.61
N GLY A 277 -71.82 34.14 31.64
CA GLY A 277 -71.93 35.57 31.90
C GLY A 277 -72.94 36.21 30.96
#